data_3BIL
#
_entry.id   3BIL
#
_cell.length_a   75.209
_cell.length_b   54.338
_cell.length_c   78.650
_cell.angle_alpha   90.000
_cell.angle_beta   94.190
_cell.angle_gamma   90.000
#
_symmetry.space_group_name_H-M   'P 1 21 1'
#
loop_
_entity.id
_entity.type
_entity.pdbx_description
1 polymer 'Probable LacI-family transcriptional regulator'
2 water water
#
_entity_poly.entity_id   1
_entity_poly.type   'polypeptide(L)'
_entity_poly.pdbx_seq_one_letter_code
;MSLTEKFRPTLKDVARQAGVSIATASRALADNPAVAASTRERIQQLASDLGYRANAQARALRSSRSNTIGVIVPSLINHY
FAAMVTEIQSTASKAGLATIITNSNEDATTMSGSLEFLTSHGVDGIICVPNEECANQLEDLQKQGMPVVLVDRELPGDST
IPTATSNPQPGIAAAVELLAHNNALPIGYLSGPMDTSTGRERLEDFKAACANSKIGEQLVFLGGYEQSVGFEGATKLLDQ
GAKTLFAGDSMMTIGVIEACHKAGLVIGKDVSVIGFDTHPLFALQPHPLTVIDQNVEQLAQRAVSILTELIAGTVPSVTK
TTIPTALIHRESIINSTLRKEGHHHHHH
;
_entity_poly.pdbx_strand_id   A,B
#
# COMPACT_ATOMS: atom_id res chain seq x y z
N THR A 68 20.26 -11.67 9.87
CA THR A 68 18.83 -12.02 9.62
C THR A 68 17.86 -11.83 10.83
N ILE A 69 16.91 -10.89 10.70
CA ILE A 69 15.83 -10.67 11.70
C ILE A 69 14.41 -11.01 11.17
N GLY A 70 13.44 -11.13 12.07
CA GLY A 70 12.04 -11.38 11.69
C GLY A 70 11.12 -10.20 12.01
N VAL A 71 10.20 -9.85 11.10
CA VAL A 71 9.17 -8.85 11.43
C VAL A 71 7.77 -9.32 11.12
N ILE A 72 6.88 -9.03 12.07
CA ILE A 72 5.49 -9.42 12.01
C ILE A 72 4.59 -8.20 12.07
N VAL A 73 3.62 -8.13 11.16
CA VAL A 73 2.80 -6.95 10.99
C VAL A 73 1.36 -7.37 10.72
N PRO A 74 0.36 -6.57 11.16
CA PRO A 74 -1.02 -7.06 11.01
C PRO A 74 -1.57 -7.02 9.58
N SER A 75 -0.92 -6.25 8.73
CA SER A 75 -1.48 -6.03 7.40
C SER A 75 -0.37 -5.45 6.53
N LEU A 76 -0.48 -5.72 5.22
CA LEU A 76 0.47 -5.21 4.24
C LEU A 76 -0.21 -4.31 3.22
N ILE A 77 -1.51 -4.49 3.01
CA ILE A 77 -2.29 -3.52 2.24
C ILE A 77 -2.47 -2.20 3.01
N ASN A 78 -2.29 -2.23 4.34
CA ASN A 78 -2.08 -0.98 5.04
C ASN A 78 -0.75 -0.34 4.61
N HIS A 79 -0.85 0.84 4.03
CA HIS A 79 0.30 1.48 3.47
C HIS A 79 1.22 1.87 4.60
N TYR A 80 0.66 2.12 5.78
CA TYR A 80 1.49 2.48 6.93
C TYR A 80 2.39 1.33 7.39
N PHE A 81 1.81 0.14 7.52
CA PHE A 81 2.56 -1.00 7.91
C PHE A 81 3.51 -1.50 6.79
N ALA A 82 3.19 -1.20 5.52
CA ALA A 82 4.13 -1.53 4.43
C ALA A 82 5.29 -0.52 4.42
N ALA A 83 4.97 0.73 4.74
CA ALA A 83 6.02 1.75 4.93
C ALA A 83 6.93 1.36 6.08
N MET A 84 6.36 0.97 7.22
CA MET A 84 7.15 0.59 8.36
C MET A 84 8.14 -0.54 8.04
N VAL A 85 7.71 -1.57 7.31
CA VAL A 85 8.58 -2.70 7.03
C VAL A 85 9.63 -2.37 5.97
N THR A 86 9.28 -1.56 4.99
CA THR A 86 10.26 -1.09 4.05
C THR A 86 11.37 -0.38 4.84
N GLU A 87 11.01 0.52 5.75
CA GLU A 87 12.02 1.23 6.55
C GLU A 87 12.76 0.42 7.62
N ILE A 88 12.10 -0.60 8.17
CA ILE A 88 12.73 -1.51 9.12
C ILE A 88 13.73 -2.37 8.37
N GLN A 89 13.40 -2.73 7.13
CA GLN A 89 14.30 -3.57 6.33
C GLN A 89 15.55 -2.80 5.92
N SER A 90 15.37 -1.54 5.54
CA SER A 90 16.45 -0.70 5.05
C SER A 90 17.47 -0.36 6.17
N THR A 91 16.97 0.04 7.33
CA THR A 91 17.78 0.24 8.53
C THR A 91 18.53 -1.03 8.99
N ALA A 92 17.84 -2.17 9.01
CA ALA A 92 18.49 -3.44 9.33
C ALA A 92 19.66 -3.77 8.41
N SER A 93 19.55 -3.49 7.12
CA SER A 93 20.60 -3.89 6.19
C SER A 93 21.80 -2.98 6.38
N LYS A 94 21.56 -1.71 6.72
CA LYS A 94 22.66 -0.81 7.08
C LYS A 94 23.48 -1.25 8.29
N ALA A 95 22.86 -2.03 9.19
CA ALA A 95 23.55 -2.67 10.33
C ALA A 95 23.79 -4.16 10.04
N GLY A 96 23.99 -4.46 8.75
CA GLY A 96 24.26 -5.83 8.26
C GLY A 96 23.30 -6.93 8.71
N LEU A 97 22.00 -6.77 8.41
CA LEU A 97 20.99 -7.77 8.80
C LEU A 97 19.91 -7.97 7.75
N ALA A 98 19.49 -9.21 7.57
CA ALA A 98 18.44 -9.50 6.61
C ALA A 98 17.08 -9.40 7.28
N THR A 99 16.02 -9.59 6.50
CA THR A 99 14.63 -9.37 6.96
C THR A 99 13.62 -10.33 6.31
N ILE A 100 12.95 -11.10 7.16
CA ILE A 100 11.83 -11.95 6.81
C ILE A 100 10.55 -11.33 7.39
N ILE A 101 9.54 -11.12 6.54
CA ILE A 101 8.34 -10.43 6.97
C ILE A 101 7.21 -11.40 7.15
N THR A 102 6.37 -11.17 8.16
CA THR A 102 5.08 -11.89 8.20
C THR A 102 3.85 -11.00 8.46
N ASN A 103 2.70 -11.53 8.08
CA ASN A 103 1.48 -10.80 8.04
C ASN A 103 0.44 -11.59 8.80
N SER A 104 -0.06 -11.04 9.90
CA SER A 104 -0.97 -11.78 10.79
C SER A 104 -2.45 -11.65 10.47
N ASN A 105 -2.80 -10.80 9.51
CA ASN A 105 -4.22 -10.44 9.23
C ASN A 105 -5.08 -10.08 10.42
N GLU A 106 -4.46 -9.54 11.47
CA GLU A 106 -5.20 -9.20 12.71
C GLU A 106 -5.77 -10.48 13.35
N ASP A 107 -5.04 -11.59 13.19
CA ASP A 107 -5.48 -12.91 13.60
C ASP A 107 -4.45 -13.44 14.55
N ALA A 108 -4.87 -13.63 15.80
CA ALA A 108 -4.00 -14.14 16.86
C ALA A 108 -3.40 -15.51 16.51
N THR A 109 -4.23 -16.44 16.07
CA THR A 109 -3.77 -17.78 15.67
C THR A 109 -2.65 -17.69 14.61
N THR A 110 -2.81 -16.81 13.64
CA THR A 110 -1.80 -16.68 12.59
C THR A 110 -0.45 -16.25 13.18
N MET A 111 -0.47 -15.23 14.05
CA MET A 111 0.74 -14.67 14.69
C MET A 111 1.37 -15.68 15.63
N SER A 112 0.51 -16.40 16.33
CA SER A 112 0.91 -17.53 17.12
C SER A 112 1.77 -18.45 16.23
N GLY A 113 1.21 -18.88 15.09
CA GLY A 113 1.93 -19.66 14.08
C GLY A 113 3.28 -19.09 13.69
N SER A 114 3.33 -17.77 13.47
CA SER A 114 4.56 -17.08 13.02
C SER A 114 5.72 -17.05 14.01
N LEU A 115 5.41 -16.62 15.24
CA LEU A 115 6.39 -16.51 16.31
C LEU A 115 7.03 -17.85 16.54
N GLU A 116 6.18 -18.85 16.80
CA GLU A 116 6.62 -20.23 16.89
C GLU A 116 7.61 -20.53 15.76
N PHE A 117 7.23 -20.21 14.53
CA PHE A 117 8.07 -20.51 13.39
C PHE A 117 9.33 -19.66 13.37
N LEU A 118 9.20 -18.35 13.60
CA LEU A 118 10.35 -17.46 13.46
C LEU A 118 11.52 -17.82 14.37
N THR A 119 11.20 -18.16 15.62
CA THR A 119 12.24 -18.49 16.59
C THR A 119 12.76 -19.91 16.37
N SER A 120 11.91 -20.77 15.81
CA SER A 120 12.32 -22.11 15.41
C SER A 120 13.42 -22.14 14.37
N HIS A 121 13.61 -21.03 13.65
CA HIS A 121 14.50 -21.04 12.48
C HIS A 121 15.67 -20.08 12.60
N GLY A 122 15.96 -19.68 13.83
CA GLY A 122 17.19 -18.96 14.13
C GLY A 122 17.32 -17.54 13.60
N VAL A 123 16.26 -16.75 13.73
CA VAL A 123 16.38 -15.30 13.49
C VAL A 123 17.01 -14.65 14.74
N ASP A 124 17.94 -13.71 14.53
CA ASP A 124 18.62 -13.02 15.62
C ASP A 124 17.68 -12.18 16.50
N GLY A 125 16.68 -11.53 15.87
CA GLY A 125 15.68 -10.70 16.58
C GLY A 125 14.30 -10.61 15.95
N ILE A 126 13.31 -10.23 16.75
CA ILE A 126 11.94 -10.07 16.25
C ILE A 126 11.41 -8.68 16.58
N ILE A 127 11.02 -7.94 15.53
CA ILE A 127 10.29 -6.68 15.70
C ILE A 127 8.87 -6.95 15.30
N CYS A 128 7.94 -6.54 16.15
CA CYS A 128 6.59 -7.08 16.03
C CYS A 128 5.46 -6.15 16.51
N VAL A 129 4.30 -6.23 15.85
CA VAL A 129 3.09 -5.49 16.23
C VAL A 129 2.15 -6.46 16.93
N PRO A 130 2.15 -6.45 18.26
CA PRO A 130 1.47 -7.47 19.05
C PRO A 130 -0.04 -7.41 18.92
N ASN A 131 -0.65 -8.56 18.66
CA ASN A 131 -2.06 -8.79 18.97
C ASN A 131 -2.14 -9.01 20.48
N GLU A 132 -3.16 -8.45 21.14
CA GLU A 132 -3.27 -8.62 22.60
C GLU A 132 -3.51 -10.06 23.02
N GLU A 133 -4.22 -10.81 22.19
CA GLU A 133 -4.48 -12.22 22.44
C GLU A 133 -3.25 -13.11 22.32
N CYS A 134 -2.05 -12.50 22.34
CA CYS A 134 -0.77 -13.19 22.18
C CYS A 134 0.19 -12.73 23.27
N ALA A 135 -0.34 -12.02 24.24
CA ALA A 135 0.47 -11.46 25.32
C ALA A 135 1.34 -12.53 26.02
N ASN A 136 0.76 -13.71 26.22
CA ASN A 136 1.46 -14.80 26.91
C ASN A 136 2.68 -15.35 26.16
N GLN A 137 2.47 -15.80 24.92
CA GLN A 137 3.55 -16.38 24.12
C GLN A 137 4.66 -15.40 23.93
N LEU A 138 4.30 -14.12 23.84
CA LEU A 138 5.23 -13.03 23.60
C LEU A 138 6.13 -12.75 24.80
N GLU A 139 5.64 -13.10 25.99
CA GLU A 139 6.43 -12.93 27.21
C GLU A 139 7.45 -14.06 27.32
N ASP A 140 6.98 -15.29 27.11
CA ASP A 140 7.81 -16.49 27.07
C ASP A 140 9.06 -16.38 26.18
N LEU A 141 8.87 -15.85 24.95
CA LEU A 141 9.98 -15.68 24.02
C LEU A 141 11.04 -14.72 24.59
N GLN A 142 10.59 -13.71 25.33
CA GLN A 142 11.50 -12.85 26.08
C GLN A 142 12.27 -13.68 27.10
N LYS A 143 11.56 -14.60 27.77
CA LYS A 143 12.14 -15.41 28.85
C LYS A 143 13.22 -16.40 28.39
N GLN A 144 13.27 -16.68 27.09
CA GLN A 144 14.34 -17.53 26.55
C GLN A 144 15.58 -16.71 26.27
N MET A 146 14.90 -14.93 23.19
CA MET A 146 14.65 -14.21 21.95
C MET A 146 14.60 -12.70 22.21
N PRO A 147 15.54 -11.91 21.63
CA PRO A 147 15.32 -10.44 21.60
C PRO A 147 14.03 -10.04 20.79
N VAL A 148 13.01 -9.58 21.52
CA VAL A 148 11.74 -9.06 20.98
C VAL A 148 11.62 -7.56 21.19
N VAL A 149 10.96 -6.90 20.23
CA VAL A 149 10.63 -5.47 20.28
C VAL A 149 9.22 -5.34 19.73
N LEU A 150 8.38 -4.62 20.44
CA LEU A 150 7.03 -4.33 19.96
C LEU A 150 6.99 -2.91 19.38
N VAL A 151 6.21 -2.74 18.30
CA VAL A 151 6.09 -1.45 17.62
C VAL A 151 4.65 -1.07 17.36
N ASP A 152 4.40 0.25 17.40
CA ASP A 152 3.08 0.81 17.11
C ASP A 152 1.99 0.49 18.17
N ARG A 153 1.81 -0.79 18.52
CA ARG A 153 0.85 -1.22 19.53
C ARG A 153 1.53 -1.73 20.78
N GLU A 154 0.89 -1.49 21.92
CA GLU A 154 1.44 -1.78 23.24
C GLU A 154 0.66 -2.93 23.89
N LEU A 155 1.39 -3.81 24.59
CA LEU A 155 0.76 -4.84 25.41
C LEU A 155 0.01 -4.16 26.55
N PRO A 156 -1.24 -4.61 26.82
CA PRO A 156 -2.12 -3.86 27.73
C PRO A 156 -1.68 -3.85 29.21
N GLY A 157 -0.65 -4.61 29.60
CA GLY A 157 -0.33 -4.73 31.04
C GLY A 157 1.11 -4.70 31.54
N ASP A 158 1.56 -5.84 32.10
CA ASP A 158 2.90 -6.04 32.66
C ASP A 158 4.01 -5.32 31.88
N THR A 160 7.33 -5.35 30.38
CA THR A 160 8.81 -5.32 30.34
C THR A 160 9.42 -5.22 28.95
N ILE A 161 8.73 -5.81 27.96
CA ILE A 161 9.26 -5.88 26.57
C ILE A 161 9.43 -4.51 25.97
N PRO A 162 10.65 -4.18 25.50
CA PRO A 162 10.85 -2.81 25.00
C PRO A 162 9.87 -2.52 23.87
N THR A 163 9.19 -1.38 23.95
CA THR A 163 8.25 -0.98 22.92
C THR A 163 8.62 0.40 22.39
N ALA A 164 8.49 0.59 21.07
CA ALA A 164 8.61 1.89 20.45
C ALA A 164 7.28 2.20 19.77
N THR A 165 6.60 3.24 20.24
CA THR A 165 5.27 3.58 19.77
C THR A 165 5.21 5.07 19.48
N SER A 166 4.20 5.50 18.73
CA SER A 166 4.02 6.93 18.47
C SER A 166 3.13 7.53 19.55
N ASN A 167 3.46 8.75 20.00
CA ASN A 167 2.59 9.45 20.93
C ASN A 167 1.57 10.29 20.19
N PRO A 168 0.29 9.92 20.29
CA PRO A 168 -0.72 10.56 19.43
C PRO A 168 -1.24 11.87 19.92
N GLN A 169 -0.94 12.22 21.17
CA GLN A 169 -1.57 13.40 21.80
C GLN A 169 -1.22 14.77 21.11
N PRO A 170 0.07 15.01 20.79
CA PRO A 170 0.44 16.27 20.13
C PRO A 170 -0.23 16.54 18.80
N GLY A 171 -0.29 15.56 17.90
CA GLY A 171 -1.04 15.70 16.62
C GLY A 171 -2.55 15.85 16.80
N ILE A 172 -3.13 15.01 17.65
CA ILE A 172 -4.59 15.08 17.91
C ILE A 172 -4.99 16.43 18.52
N ALA A 173 -4.23 16.84 19.55
CA ALA A 173 -4.47 18.16 20.16
C ALA A 173 -4.37 19.29 19.14
N ALA A 174 -3.37 19.26 18.24
CA ALA A 174 -3.31 20.34 17.23
C ALA A 174 -4.40 20.30 16.20
N ALA A 175 -4.74 19.09 15.76
CA ALA A 175 -5.88 18.98 14.85
C ALA A 175 -7.15 19.49 15.52
N VAL A 176 -7.42 19.10 16.78
CA VAL A 176 -8.64 19.61 17.48
C VAL A 176 -8.62 21.14 17.60
N GLU A 177 -7.49 21.68 18.09
CA GLU A 177 -7.26 23.13 18.18
C GLU A 177 -7.63 23.83 16.89
N LEU A 178 -7.07 23.34 15.78
CA LEU A 178 -7.34 23.84 14.45
C LEU A 178 -8.79 23.76 14.04
N LEU A 179 -9.46 22.63 14.36
CA LEU A 179 -10.91 22.55 14.06
C LEU A 179 -11.65 23.61 14.85
N ALA A 180 -11.25 23.78 16.11
CA ALA A 180 -11.93 24.74 16.98
C ALA A 180 -11.79 26.18 16.48
N HIS A 181 -10.57 26.63 16.15
CA HIS A 181 -10.37 27.97 15.62
C HIS A 181 -11.11 28.21 14.35
N ASN A 182 -11.31 27.17 13.54
CA ASN A 182 -12.03 27.33 12.29
C ASN A 182 -13.55 27.20 12.37
N ASN A 183 -14.07 27.06 13.61
CA ASN A 183 -15.47 26.71 13.85
C ASN A 183 -15.95 25.55 12.95
N ALA A 184 -15.14 24.52 12.79
CA ALA A 184 -15.45 23.51 11.81
C ALA A 184 -16.11 22.39 12.60
N LEU A 185 -17.17 22.75 13.31
CA LEU A 185 -17.78 21.85 14.26
C LEU A 185 -19.18 21.59 13.81
N PRO A 186 -19.79 20.45 14.26
CA PRO A 186 -19.22 19.39 15.10
C PRO A 186 -18.31 18.42 14.38
N ILE A 187 -17.48 17.75 15.17
CA ILE A 187 -16.54 16.81 14.65
C ILE A 187 -17.09 15.40 14.80
N GLY A 188 -17.08 14.65 13.70
CA GLY A 188 -17.34 13.23 13.73
C GLY A 188 -16.01 12.50 13.76
N TYR A 189 -15.62 12.02 14.92
CA TYR A 189 -14.37 11.29 15.00
C TYR A 189 -14.66 9.83 14.75
N LEU A 190 -13.86 9.27 13.86
CA LEU A 190 -14.11 7.94 13.40
C LEU A 190 -13.01 7.08 14.00
N SER A 191 -13.36 6.42 15.09
CA SER A 191 -12.45 5.56 15.86
C SER A 191 -11.95 4.35 15.11
N GLY A 192 -10.90 3.77 15.68
CA GLY A 192 -10.42 2.46 15.29
C GLY A 192 -10.76 1.41 16.32
N PRO A 193 -10.44 0.13 16.01
CA PRO A 193 -10.74 -1.00 16.88
C PRO A 193 -10.42 -0.68 18.33
N MET A 194 -11.39 -0.88 19.22
CA MET A 194 -11.18 -0.56 20.64
C MET A 194 -10.38 -1.63 21.38
N ASP A 195 -10.05 -2.70 20.66
CA ASP A 195 -9.18 -3.77 21.16
C ASP A 195 -7.67 -3.53 20.89
N THR A 196 -7.34 -2.35 20.34
CA THR A 196 -5.94 -1.95 20.14
C THR A 196 -5.58 -0.80 21.08
N SER A 197 -4.35 -0.79 21.58
CA SER A 197 -3.89 0.31 22.41
C SER A 197 -4.02 1.60 21.60
N THR A 198 -3.72 1.46 20.32
CA THR A 198 -3.88 2.47 19.31
C THR A 198 -5.31 3.04 19.29
N GLY A 199 -6.31 2.18 19.07
CA GLY A 199 -7.69 2.65 19.01
C GLY A 199 -8.16 3.40 20.26
N ARG A 200 -7.71 3.00 21.43
CA ARG A 200 -8.18 3.67 22.66
C ARG A 200 -7.33 4.87 23.03
N GLU A 201 -6.00 4.72 23.03
CA GLU A 201 -5.11 5.86 23.18
C GLU A 201 -5.64 7.12 22.43
N ARG A 202 -5.94 6.96 21.14
CA ARG A 202 -6.31 8.07 20.28
C ARG A 202 -7.70 8.55 20.53
N LEU A 203 -8.58 7.66 21.02
CA LEU A 203 -9.92 8.13 21.35
C LEU A 203 -9.91 8.85 22.73
N GLU A 204 -9.16 8.35 23.71
CA GLU A 204 -8.91 9.15 24.95
C GLU A 204 -8.45 10.58 24.56
N ASP A 205 -7.37 10.68 23.74
CA ASP A 205 -6.74 11.96 23.36
C ASP A 205 -7.65 12.91 22.60
N PHE A 206 -8.43 12.38 21.70
CA PHE A 206 -9.37 13.22 21.03
C PHE A 206 -10.41 13.73 22.06
N LYS A 207 -10.79 12.89 23.02
CA LYS A 207 -11.82 13.32 24.03
C LYS A 207 -11.28 14.46 24.92
N ALA A 208 -10.11 14.25 25.51
CA ALA A 208 -9.40 15.29 26.28
C ALA A 208 -9.11 16.59 25.51
N ALA A 209 -8.58 16.48 24.28
CA ALA A 209 -8.39 17.66 23.42
C ALA A 209 -9.66 18.48 23.23
N CYS A 210 -10.80 17.82 23.05
CA CYS A 210 -12.06 18.53 22.90
C CYS A 210 -12.40 19.31 24.17
N ALA A 211 -12.19 18.68 25.33
CA ALA A 211 -12.40 19.34 26.61
C ALA A 211 -11.37 20.44 26.69
N ASN A 212 -10.09 20.10 26.49
CA ASN A 212 -9.08 21.11 26.69
C ASN A 212 -9.26 22.32 25.79
N SER A 213 -9.79 22.09 24.59
CA SER A 213 -10.06 23.16 23.64
C SER A 213 -11.40 23.81 23.94
N LYS A 214 -12.11 23.27 24.95
CA LYS A 214 -13.47 23.70 25.36
C LYS A 214 -14.45 23.83 24.20
N ILE A 215 -14.65 22.74 23.46
CA ILE A 215 -15.71 22.69 22.43
C ILE A 215 -16.82 21.73 22.82
N GLY A 216 -16.66 21.06 23.95
CA GLY A 216 -17.71 20.16 24.38
C GLY A 216 -17.62 18.84 23.63
N GLU A 217 -18.44 17.88 24.08
CA GLU A 217 -18.40 16.51 23.60
C GLU A 217 -18.76 16.45 22.12
N GLN A 218 -18.05 15.62 21.36
CA GLN A 218 -18.30 15.57 19.90
C GLN A 218 -18.87 14.23 19.52
N LEU A 219 -19.15 14.00 18.24
CA LEU A 219 -19.66 12.66 17.82
C LEU A 219 -18.54 11.66 17.65
N VAL A 220 -18.74 10.43 18.10
CA VAL A 220 -17.71 9.40 18.03
C VAL A 220 -18.31 8.15 17.43
N PHE A 221 -17.71 7.61 16.38
CA PHE A 221 -18.08 6.29 15.88
C PHE A 221 -16.98 5.29 16.23
N LEU A 222 -17.34 4.15 16.80
CA LEU A 222 -16.32 3.12 17.13
C LEU A 222 -16.18 2.12 15.99
N GLY A 223 -15.21 2.37 15.11
CA GLY A 223 -14.99 1.57 13.91
C GLY A 223 -14.21 0.30 14.21
N GLY A 224 -13.47 -0.16 13.20
CA GLY A 224 -12.87 -1.49 13.26
C GLY A 224 -11.80 -1.74 12.22
N TYR A 225 -12.09 -2.61 11.25
CA TYR A 225 -11.04 -3.09 10.35
C TYR A 225 -11.25 -2.81 8.85
N GLU A 226 -12.44 -3.13 8.33
CA GLU A 226 -12.78 -2.95 6.90
C GLU A 226 -12.92 -1.50 6.49
N GLN A 227 -12.57 -1.25 5.24
CA GLN A 227 -12.87 -0.01 4.58
C GLN A 227 -14.37 0.22 4.69
N SER A 228 -15.15 -0.87 4.61
CA SER A 228 -16.62 -0.80 4.69
C SER A 228 -17.09 -0.18 6.02
N VAL A 229 -16.46 -0.63 7.10
CA VAL A 229 -16.78 -0.12 8.42
C VAL A 229 -16.62 1.42 8.57
N GLY A 230 -15.60 1.99 7.92
CA GLY A 230 -15.35 3.43 7.95
C GLY A 230 -16.28 4.17 7.04
N PHE A 231 -16.54 3.62 5.87
CA PHE A 231 -17.54 4.17 4.98
C PHE A 231 -18.92 4.26 5.67
N GLU A 232 -19.28 3.22 6.42
CA GLU A 232 -20.59 3.14 7.06
C GLU A 232 -20.55 4.14 8.22
N GLY A 233 -19.51 4.00 9.04
CA GLY A 233 -19.30 5.00 10.09
C GLY A 233 -19.39 6.45 9.63
N ALA A 234 -18.61 6.81 8.61
CA ALA A 234 -18.54 8.21 8.23
C ALA A 234 -19.86 8.67 7.66
N THR A 235 -20.55 7.79 6.95
CA THR A 235 -21.85 8.17 6.38
C THR A 235 -22.84 8.42 7.51
N LYS A 236 -22.72 7.69 8.61
CA LYS A 236 -23.63 7.92 9.76
C LYS A 236 -23.37 9.18 10.54
N LEU A 237 -22.08 9.53 10.70
CA LEU A 237 -21.66 10.84 11.27
C LEU A 237 -22.19 12.06 10.51
N LEU A 238 -22.13 11.98 9.18
CA LEU A 238 -22.69 13.00 8.30
C LEU A 238 -24.20 13.07 8.43
N ASP A 239 -24.86 11.92 8.60
CA ASP A 239 -26.32 11.94 8.94
C ASP A 239 -26.56 12.70 10.26
N GLN A 240 -25.76 12.40 11.28
CA GLN A 240 -25.91 13.01 12.61
C GLN A 240 -25.42 14.44 12.68
N GLY A 241 -25.05 15.02 11.55
CA GLY A 241 -24.72 16.44 11.47
C GLY A 241 -23.23 16.80 11.44
N ALA A 242 -22.33 15.81 11.45
CA ALA A 242 -20.86 16.11 11.43
C ALA A 242 -20.53 17.04 10.30
N LYS A 243 -19.74 18.06 10.60
CA LYS A 243 -19.23 18.98 9.57
C LYS A 243 -17.73 18.73 9.34
N THR A 244 -17.16 17.82 10.15
CA THR A 244 -15.77 17.42 10.02
C THR A 244 -15.67 15.92 10.27
N LEU A 245 -14.88 15.24 9.45
CA LEU A 245 -14.68 13.83 9.68
C LEU A 245 -13.21 13.66 10.03
N PHE A 246 -12.96 12.98 11.14
CA PHE A 246 -11.66 12.96 11.71
C PHE A 246 -11.39 11.47 11.89
N ALA A 247 -10.67 10.89 10.97
CA ALA A 247 -10.41 9.46 11.00
C ALA A 247 -9.30 9.23 11.95
N GLY A 248 -9.25 8.06 12.55
CA GLY A 248 -8.16 7.73 13.47
C GLY A 248 -7.26 6.65 12.94
N ASP A 249 -7.43 6.28 11.66
CA ASP A 249 -6.59 5.26 10.95
C ASP A 249 -6.36 5.53 9.49
N SER A 250 -5.32 4.94 8.90
CA SER A 250 -5.27 4.83 7.42
C SER A 250 -6.63 4.36 6.88
N MET A 251 -7.08 3.19 7.35
CA MET A 251 -8.24 2.55 6.76
C MET A 251 -9.52 3.36 7.00
N MET A 252 -9.67 3.91 8.20
CA MET A 252 -10.76 4.82 8.47
C MET A 252 -10.69 6.05 7.51
N THR A 253 -9.47 6.50 7.16
CA THR A 253 -9.31 7.68 6.29
C THR A 253 -9.80 7.45 4.90
N ILE A 254 -9.56 6.24 4.38
CA ILE A 254 -10.20 5.79 3.14
C ILE A 254 -11.74 5.82 3.18
N GLY A 255 -12.34 5.20 4.21
CA GLY A 255 -13.83 5.21 4.42
C GLY A 255 -14.39 6.63 4.46
N VAL A 256 -13.64 7.54 5.06
CA VAL A 256 -14.04 8.97 5.05
C VAL A 256 -14.06 9.56 3.63
N ILE A 257 -13.01 9.26 2.83
CA ILE A 257 -12.97 9.71 1.42
C ILE A 257 -14.11 9.06 0.63
N GLU A 258 -14.23 7.75 0.74
CA GLU A 258 -15.29 7.08 0.04
C GLU A 258 -16.66 7.68 0.40
N ALA A 259 -16.89 7.88 1.70
CA ALA A 259 -18.09 8.57 2.22
C ALA A 259 -18.37 9.97 1.67
N CYS A 260 -17.34 10.82 1.56
CA CYS A 260 -17.54 12.18 1.01
C CYS A 260 -17.80 12.15 -0.47
N HIS A 261 -17.17 11.15 -1.12
CA HIS A 261 -17.31 10.94 -2.57
C HIS A 261 -18.72 10.46 -2.84
N LYS A 262 -19.10 9.35 -2.24
CA LYS A 262 -20.47 8.84 -2.40
C LYS A 262 -21.56 9.87 -2.07
N ALA A 263 -21.45 10.59 -0.96
CA ALA A 263 -22.43 11.64 -0.57
C ALA A 263 -22.45 12.88 -1.46
N GLY A 264 -21.54 12.96 -2.44
CA GLY A 264 -21.38 14.18 -3.26
C GLY A 264 -20.66 15.38 -2.63
N LEU A 265 -19.83 15.17 -1.61
CA LEU A 265 -19.26 16.36 -0.97
C LEU A 265 -17.80 16.65 -1.39
N VAL A 266 -17.51 17.92 -1.67
CA VAL A 266 -16.13 18.35 -1.88
C VAL A 266 -15.44 18.58 -0.53
N ILE A 267 -14.48 17.71 -0.20
CA ILE A 267 -13.58 17.94 0.90
C ILE A 267 -12.87 19.26 0.78
N GLY A 268 -12.62 19.91 1.91
CA GLY A 268 -12.10 21.28 1.91
C GLY A 268 -13.06 22.33 1.33
N LYS A 269 -14.26 21.93 0.92
CA LYS A 269 -15.28 22.90 0.47
C LYS A 269 -16.65 22.69 1.18
N ASP A 270 -17.17 21.48 1.18
CA ASP A 270 -18.49 21.22 1.76
C ASP A 270 -18.41 20.52 3.12
N VAL A 271 -17.24 19.97 3.44
CA VAL A 271 -17.03 19.26 4.70
C VAL A 271 -15.54 19.32 4.97
N SER A 272 -15.13 19.25 6.24
CA SER A 272 -13.71 19.21 6.58
C SER A 272 -13.25 17.79 6.86
N VAL A 273 -12.00 17.45 6.47
CA VAL A 273 -11.45 16.13 6.80
C VAL A 273 -10.10 16.27 7.52
N ILE A 274 -9.91 15.46 8.55
CA ILE A 274 -8.61 15.19 9.10
C ILE A 274 -8.30 13.72 8.91
N GLY A 275 -7.18 13.41 8.24
CA GLY A 275 -6.83 12.02 7.93
C GLY A 275 -5.77 11.54 8.85
N PHE A 276 -5.50 10.25 8.82
CA PHE A 276 -4.43 9.71 9.64
C PHE A 276 -3.44 8.96 8.74
N ASP A 277 -2.14 9.23 8.95
CA ASP A 277 -1.01 8.73 8.13
C ASP A 277 -0.81 9.33 6.73
N THR A 278 0.38 9.09 6.20
CA THR A 278 0.95 9.98 5.19
C THR A 278 0.71 9.62 3.72
N HIS A 279 -0.01 8.54 3.42
CA HIS A 279 -0.16 8.06 2.03
C HIS A 279 0.08 9.15 0.97
N PRO A 280 0.96 8.88 -0.01
CA PRO A 280 1.24 9.81 -1.13
C PRO A 280 -0.02 10.37 -1.80
N LEU A 281 -1.02 9.53 -2.01
CA LEU A 281 -2.28 10.00 -2.62
C LEU A 281 -3.14 10.94 -1.78
N PHE A 282 -2.94 10.98 -0.46
CA PHE A 282 -3.62 12.00 0.38
C PHE A 282 -3.15 13.41 0.01
N ALA A 283 -1.87 13.58 -0.31
CA ALA A 283 -1.32 14.91 -0.63
C ALA A 283 -1.74 15.46 -1.98
N LEU A 284 -2.42 14.63 -2.79
CA LEU A 284 -2.70 14.96 -4.20
C LEU A 284 -4.19 14.98 -4.60
N GLN A 285 -5.08 14.88 -3.62
CA GLN A 285 -6.50 15.20 -3.75
C GLN A 285 -6.65 16.64 -4.29
N PRO A 286 -7.81 17.01 -4.91
CA PRO A 286 -8.02 18.43 -5.32
C PRO A 286 -7.83 19.43 -4.18
N HIS A 287 -8.16 19.05 -2.96
CA HIS A 287 -7.74 19.82 -1.81
C HIS A 287 -6.95 18.87 -0.93
N PRO A 288 -5.63 19.04 -0.91
CA PRO A 288 -4.88 18.05 -0.18
C PRO A 288 -5.35 17.92 1.27
N LEU A 289 -5.10 16.76 1.88
CA LEU A 289 -5.66 16.45 3.16
C LEU A 289 -4.75 16.83 4.30
N THR A 290 -5.27 17.65 5.21
CA THR A 290 -4.64 17.76 6.49
C THR A 290 -4.60 16.36 7.14
N VAL A 291 -3.45 15.92 7.61
CA VAL A 291 -3.34 14.61 8.20
C VAL A 291 -2.39 14.67 9.40
N ILE A 292 -2.47 13.61 10.21
CA ILE A 292 -1.61 13.43 11.33
C ILE A 292 -0.53 12.46 10.94
N ASP A 293 0.70 12.92 10.95
CA ASP A 293 1.80 12.09 10.56
C ASP A 293 2.38 11.44 11.81
N GLN A 294 2.72 10.17 11.72
CA GLN A 294 3.27 9.44 12.83
C GLN A 294 4.73 9.19 12.70
N ASN A 295 5.31 9.61 11.58
CA ASN A 295 6.72 9.53 11.38
C ASN A 295 7.25 8.09 11.43
N VAL A 296 6.74 7.26 10.53
CA VAL A 296 7.05 5.82 10.46
C VAL A 296 8.52 5.55 10.41
N GLU A 297 9.25 6.42 9.70
CA GLU A 297 10.71 6.24 9.48
C GLU A 297 11.50 6.21 10.80
N GLN A 298 11.16 7.15 11.69
CA GLN A 298 11.81 7.29 12.96
C GLN A 298 11.46 6.14 13.92
N LEU A 299 10.22 5.65 13.85
CA LEU A 299 9.79 4.54 14.69
C LEU A 299 10.51 3.26 14.34
N ALA A 300 10.62 3.01 13.03
CA ALA A 300 11.39 1.92 12.48
C ALA A 300 12.92 2.03 12.77
N GLN A 301 13.51 3.21 12.58
CA GLN A 301 14.88 3.53 13.01
C GLN A 301 15.06 3.17 14.49
N ARG A 302 14.29 3.84 15.35
CA ARG A 302 14.34 3.56 16.79
C ARG A 302 14.14 2.10 17.13
N ALA A 303 13.17 1.44 16.49
CA ALA A 303 12.86 0.03 16.80
C ALA A 303 13.98 -0.95 16.46
N VAL A 304 14.72 -0.66 15.39
CA VAL A 304 15.82 -1.54 15.04
C VAL A 304 17.08 -1.23 15.90
N SER A 305 17.32 0.05 16.22
CA SER A 305 18.30 0.45 17.26
C SER A 305 18.15 -0.40 18.52
N ILE A 306 16.92 -0.48 19.01
CA ILE A 306 16.59 -1.21 20.23
C ILE A 306 16.70 -2.72 20.05
N LEU A 307 16.57 -3.21 18.83
CA LEU A 307 16.76 -4.64 18.60
C LEU A 307 18.21 -5.05 18.53
N THR A 308 19.06 -4.17 17.99
CA THR A 308 20.50 -4.44 17.92
C THR A 308 21.08 -4.46 19.33
N GLU A 309 20.89 -3.37 20.09
CA GLU A 309 21.20 -3.36 21.52
C GLU A 309 20.30 -4.33 22.30
N LEU A 310 20.29 -5.61 21.91
CA LEU A 310 19.45 -6.62 22.57
C LEU A 310 19.71 -8.02 22.02
N THR A 321 9.78 3.69 24.76
CA THR A 321 10.07 4.92 24.04
C THR A 321 8.97 5.38 23.06
N THR A 322 8.72 6.70 23.03
CA THR A 322 7.70 7.27 22.15
C THR A 322 8.24 8.35 21.19
N ILE A 323 7.75 8.30 19.97
CA ILE A 323 8.05 9.29 18.97
C ILE A 323 6.82 10.15 18.99
N PRO A 324 6.96 11.49 18.96
CA PRO A 324 5.72 12.25 18.95
C PRO A 324 5.11 12.21 17.55
N THR A 325 3.91 12.78 17.45
CA THR A 325 3.10 12.73 16.27
C THR A 325 2.92 14.18 15.81
N ALA A 326 2.70 14.42 14.52
CA ALA A 326 2.65 15.81 14.07
C ALA A 326 1.52 16.09 13.09
N LEU A 327 0.99 17.31 13.10
CA LEU A 327 -0.03 17.75 12.13
C LEU A 327 0.58 18.43 10.87
N ILE A 328 0.42 17.81 9.69
CA ILE A 328 0.75 18.38 8.43
C ILE A 328 -0.48 19.19 7.95
N HIS A 329 -0.38 20.50 7.99
CA HIS A 329 -1.48 21.37 7.57
CA HIS A 329 -1.42 21.44 7.54
C HIS A 329 -1.50 21.48 6.05
N ARG A 330 -2.60 21.00 5.49
CA ARG A 330 -2.80 21.11 4.05
C ARG A 330 -4.05 21.91 3.78
N GLU A 331 -4.98 21.42 2.95
CA GLU A 331 -6.15 22.25 2.63
C GLU A 331 -7.59 21.68 2.80
N SER A 332 -7.78 20.76 3.76
CA SER A 332 -9.08 20.08 3.91
C SER A 332 -9.97 20.58 5.09
N ILE A 333 -9.69 21.78 5.60
CA ILE A 333 -10.48 22.41 6.66
C ILE A 333 -11.09 23.69 6.11
N ILE A 334 -12.43 23.77 6.11
CA ILE A 334 -13.15 25.01 5.80
C ILE A 334 -12.98 26.05 6.90
N ASN A 335 -12.91 27.32 6.51
CA ASN A 335 -13.16 28.39 7.48
C ASN A 335 -14.61 28.92 7.47
N SER A 336 -15.33 28.66 8.58
CA SER A 336 -16.71 29.13 8.80
C SER A 336 -16.84 30.46 9.56
N THR B 68 4.73 -24.56 5.29
CA THR B 68 5.28 -23.19 5.10
C THR B 68 5.94 -22.96 3.74
N ILE B 69 5.59 -21.83 3.11
CA ILE B 69 6.14 -21.39 1.80
C ILE B 69 6.82 -20.02 1.89
N GLY B 70 7.70 -19.72 0.92
CA GLY B 70 8.32 -18.39 0.83
C GLY B 70 7.81 -17.59 -0.37
N VAL B 71 7.35 -16.36 -0.14
CA VAL B 71 7.06 -15.50 -1.27
C VAL B 71 7.94 -14.29 -1.23
N ILE B 72 8.51 -14.03 -2.40
CA ILE B 72 9.49 -12.97 -2.58
C ILE B 72 8.96 -12.00 -3.60
N VAL B 73 8.96 -10.72 -3.24
CA VAL B 73 8.24 -9.70 -4.00
C VAL B 73 9.14 -8.44 -4.06
N PRO B 74 9.09 -7.66 -5.16
CA PRO B 74 10.14 -6.62 -5.26
C PRO B 74 9.84 -5.39 -4.47
N SER B 75 8.64 -5.30 -3.94
CA SER B 75 8.24 -4.12 -3.21
C SER B 75 6.98 -4.43 -2.42
N LEU B 76 6.73 -3.64 -1.38
CA LEU B 76 5.54 -3.76 -0.53
C LEU B 76 4.80 -2.44 -0.40
N ILE B 77 5.51 -1.31 -0.53
CA ILE B 77 4.81 -0.02 -0.67
C ILE B 77 3.98 0.02 -1.97
N ASN B 78 4.37 -0.79 -2.95
CA ASN B 78 3.53 -1.07 -4.11
C ASN B 78 2.23 -1.85 -3.72
N HIS B 79 1.10 -1.18 -3.92
CA HIS B 79 -0.16 -1.69 -3.43
C HIS B 79 -0.45 -3.00 -4.13
N TYR B 80 -0.08 -3.07 -5.41
CA TYR B 80 -0.30 -4.26 -6.20
C TYR B 80 0.44 -5.51 -5.64
N PHE B 81 1.69 -5.34 -5.23
CA PHE B 81 2.41 -6.46 -4.67
C PHE B 81 2.02 -6.77 -3.23
N ALA B 82 1.48 -5.78 -2.52
CA ALA B 82 0.96 -6.00 -1.16
C ALA B 82 -0.35 -6.79 -1.25
N ALA B 83 -1.19 -6.45 -2.23
CA ALA B 83 -2.40 -7.21 -2.54
C ALA B 83 -2.06 -8.61 -3.02
N MET B 84 -1.06 -8.74 -3.89
CA MET B 84 -0.70 -10.06 -4.39
C MET B 84 -0.33 -10.97 -3.23
N VAL B 85 0.53 -10.49 -2.30
CA VAL B 85 1.00 -11.37 -1.23
C VAL B 85 -0.06 -11.64 -0.17
N THR B 86 -1.01 -10.73 -0.01
CA THR B 86 -2.09 -10.95 0.95
C THR B 86 -2.94 -12.10 0.39
N GLU B 87 -3.27 -12.05 -0.90
CA GLU B 87 -4.06 -13.11 -1.56
C GLU B 87 -3.34 -14.44 -1.65
N ILE B 88 -2.02 -14.40 -1.81
CA ILE B 88 -1.23 -15.62 -1.82
C ILE B 88 -1.27 -16.30 -0.45
N GLN B 89 -1.08 -15.52 0.62
CA GLN B 89 -1.12 -16.03 1.99
C GLN B 89 -2.46 -16.65 2.30
N SER B 90 -3.50 -15.93 1.90
CA SER B 90 -4.86 -16.29 2.20
C SER B 90 -5.17 -17.65 1.57
N THR B 91 -4.98 -17.74 0.26
CA THR B 91 -5.17 -18.94 -0.55
C THR B 91 -4.41 -20.19 -0.04
N ALA B 92 -3.17 -19.97 0.37
CA ALA B 92 -2.35 -21.05 0.91
C ALA B 92 -2.76 -21.51 2.30
N SER B 93 -3.38 -20.65 3.11
CA SER B 93 -3.79 -21.10 4.43
C SER B 93 -5.07 -21.88 4.27
N LYS B 94 -5.82 -21.58 3.20
CA LYS B 94 -6.99 -22.39 2.85
C LYS B 94 -6.58 -23.78 2.36
N ALA B 95 -5.31 -23.93 1.98
CA ALA B 95 -4.72 -25.24 1.61
C ALA B 95 -3.67 -25.69 2.63
N GLY B 96 -3.79 -25.18 3.85
CA GLY B 96 -2.92 -25.55 4.99
C GLY B 96 -1.47 -25.09 4.98
N LEU B 97 -1.21 -23.84 4.61
CA LEU B 97 0.18 -23.37 4.57
C LEU B 97 0.37 -21.95 5.07
N ALA B 98 1.27 -21.84 6.03
CA ALA B 98 1.73 -20.56 6.54
C ALA B 98 2.63 -19.91 5.48
N THR B 99 3.10 -18.69 5.77
CA THR B 99 3.70 -17.83 4.75
C THR B 99 4.78 -16.88 5.29
N ILE B 100 5.94 -16.92 4.65
CA ILE B 100 7.07 -16.04 4.94
C ILE B 100 7.24 -15.13 3.74
N ILE B 101 7.25 -13.81 3.94
CA ILE B 101 7.31 -12.90 2.82
C ILE B 101 8.66 -12.23 2.84
N THR B 102 9.27 -12.05 1.67
CA THR B 102 10.45 -11.18 1.60
C THR B 102 10.37 -10.11 0.49
N ASN B 103 11.16 -9.06 0.64
CA ASN B 103 11.01 -7.86 -0.13
C ASN B 103 12.37 -7.46 -0.63
N SER B 104 12.55 -7.41 -1.96
CA SER B 104 13.89 -7.27 -2.55
C SER B 104 14.31 -5.86 -2.99
N ASN B 105 13.46 -4.86 -2.76
CA ASN B 105 13.65 -3.49 -3.30
C ASN B 105 14.28 -3.41 -4.69
N GLU B 106 13.81 -4.25 -5.63
CA GLU B 106 14.34 -4.28 -7.00
C GLU B 106 15.87 -4.46 -7.06
N ASP B 107 16.45 -5.13 -6.07
CA ASP B 107 17.89 -5.31 -6.01
C ASP B 107 18.18 -6.81 -6.00
N ALA B 108 19.06 -7.27 -6.90
CA ALA B 108 19.32 -8.71 -7.04
C ALA B 108 20.13 -9.34 -5.90
N THR B 109 20.99 -8.54 -5.27
CA THR B 109 21.75 -8.98 -4.09
C THR B 109 20.80 -9.41 -3.00
N THR B 110 19.82 -8.56 -2.69
CA THR B 110 18.86 -8.86 -1.63
C THR B 110 18.10 -10.17 -1.92
N MET B 111 17.52 -10.29 -3.13
CA MET B 111 16.76 -11.48 -3.57
C MET B 111 17.61 -12.75 -3.58
N SER B 112 18.80 -12.63 -4.16
CA SER B 112 19.76 -13.71 -4.18
C SER B 112 19.91 -14.19 -2.73
N GLY B 113 20.33 -13.26 -1.85
CA GLY B 113 20.37 -13.48 -0.40
C GLY B 113 19.11 -14.17 0.08
N SER B 114 17.96 -13.57 -0.23
CA SER B 114 16.63 -14.07 0.20
C SER B 114 16.29 -15.49 -0.26
N LEU B 115 16.47 -15.71 -1.56
CA LEU B 115 16.30 -17.02 -2.17
C LEU B 115 17.12 -18.04 -1.41
N GLU B 116 18.41 -17.74 -1.28
CA GLU B 116 19.32 -18.56 -0.54
C GLU B 116 18.74 -18.87 0.85
N PHE B 117 18.24 -17.84 1.54
CA PHE B 117 17.70 -18.04 2.89
C PHE B 117 16.54 -19.02 2.93
N LEU B 118 15.48 -18.74 2.18
CA LEU B 118 14.27 -19.54 2.28
C LEU B 118 14.47 -21.02 1.91
N THR B 119 15.48 -21.31 1.09
CA THR B 119 15.77 -22.72 0.81
C THR B 119 16.56 -23.38 1.95
N SER B 120 17.46 -22.62 2.56
CA SER B 120 18.27 -23.10 3.70
C SER B 120 17.43 -23.48 4.90
N HIS B 121 16.23 -22.89 5.00
CA HIS B 121 15.36 -23.07 6.15
C HIS B 121 14.13 -23.93 5.88
N GLY B 122 14.23 -24.76 4.86
CA GLY B 122 13.23 -25.81 4.58
C GLY B 122 11.76 -25.40 4.51
N VAL B 123 11.49 -24.25 3.90
CA VAL B 123 10.13 -23.93 3.49
C VAL B 123 9.86 -24.82 2.26
N ASP B 124 8.61 -25.22 2.06
CA ASP B 124 8.28 -26.18 1.02
C ASP B 124 8.46 -25.58 -0.39
N GLY B 125 7.60 -24.60 -0.72
CA GLY B 125 7.64 -23.92 -2.03
C GLY B 125 8.16 -22.49 -2.02
N ILE B 126 8.38 -21.93 -3.20
CA ILE B 126 8.69 -20.52 -3.33
C ILE B 126 7.91 -19.93 -4.48
N ILE B 127 7.13 -18.88 -4.19
CA ILE B 127 6.52 -18.06 -5.22
C ILE B 127 7.30 -16.75 -5.28
N CYS B 128 7.68 -16.39 -6.48
CA CYS B 128 8.67 -15.34 -6.64
C CYS B 128 8.35 -14.39 -7.82
N VAL B 129 8.67 -13.11 -7.64
CA VAL B 129 8.66 -12.16 -8.76
C VAL B 129 10.11 -11.92 -9.13
N PRO B 130 10.57 -12.54 -10.22
CA PRO B 130 11.98 -12.69 -10.51
C PRO B 130 12.66 -11.43 -11.01
N ASN B 131 13.88 -11.19 -10.52
CA ASN B 131 14.78 -10.16 -11.06
C ASN B 131 15.68 -10.86 -12.06
N GLU B 132 15.63 -10.42 -13.32
CA GLU B 132 16.30 -11.09 -14.45
C GLU B 132 17.75 -11.53 -14.23
N GLU B 133 18.47 -10.87 -13.32
CA GLU B 133 19.82 -11.28 -12.93
C GLU B 133 19.89 -12.43 -11.89
N CYS B 134 18.81 -13.21 -11.78
CA CYS B 134 18.71 -14.31 -10.80
C CYS B 134 18.18 -15.57 -11.47
N ALA B 135 17.99 -15.46 -12.78
CA ALA B 135 17.60 -16.56 -13.65
C ALA B 135 18.42 -17.81 -13.40
N ASN B 136 19.74 -17.66 -13.40
CA ASN B 136 20.64 -18.78 -13.15
C ASN B 136 20.44 -19.37 -11.76
N GLN B 137 20.48 -18.53 -10.73
CA GLN B 137 20.31 -19.03 -9.36
C GLN B 137 18.95 -19.69 -9.13
N LEU B 138 17.92 -19.11 -9.75
CA LEU B 138 16.58 -19.68 -9.66
C LEU B 138 16.53 -21.05 -10.33
N GLU B 139 17.23 -21.16 -11.45
CA GLU B 139 17.35 -22.40 -12.19
C GLU B 139 17.76 -23.58 -11.31
N ASP B 140 18.87 -23.41 -10.60
CA ASP B 140 19.38 -24.46 -9.70
C ASP B 140 18.38 -24.86 -8.64
N LEU B 141 17.61 -23.90 -8.14
CA LEU B 141 16.60 -24.23 -7.16
C LEU B 141 15.57 -25.19 -7.73
N GLN B 142 15.18 -24.99 -8.99
CA GLN B 142 14.28 -25.94 -9.67
C GLN B 142 14.89 -27.34 -9.76
N LYS B 143 16.15 -27.41 -10.19
CA LYS B 143 16.86 -28.69 -10.41
C LYS B 143 16.84 -29.62 -9.19
N GLN B 144 16.77 -29.04 -7.99
CA GLN B 144 16.52 -29.81 -6.78
C GLN B 144 15.02 -30.05 -6.60
N MET B 146 13.69 -27.43 -5.32
CA MET B 146 12.65 -26.54 -4.81
C MET B 146 11.57 -26.38 -5.87
N PRO B 147 10.30 -26.71 -5.51
CA PRO B 147 9.11 -26.23 -6.26
C PRO B 147 9.03 -24.67 -6.30
N VAL B 148 9.44 -24.06 -7.42
CA VAL B 148 9.47 -22.61 -7.57
C VAL B 148 8.46 -22.12 -8.62
N VAL B 149 7.81 -20.99 -8.33
CA VAL B 149 6.91 -20.36 -9.29
C VAL B 149 7.25 -18.89 -9.44
N LEU B 150 7.40 -18.45 -10.69
CA LEU B 150 7.53 -17.03 -10.99
C LEU B 150 6.13 -16.43 -11.21
N VAL B 151 5.79 -15.35 -10.49
CA VAL B 151 4.58 -14.57 -10.76
C VAL B 151 4.91 -13.20 -11.32
N ASP B 152 3.90 -12.59 -11.96
CA ASP B 152 3.97 -11.24 -12.57
C ASP B 152 4.98 -11.07 -13.72
N ARG B 153 6.27 -11.14 -13.39
CA ARG B 153 7.35 -11.07 -14.35
C ARG B 153 7.82 -12.44 -14.76
N GLU B 154 8.50 -12.47 -15.89
CA GLU B 154 8.93 -13.70 -16.54
C GLU B 154 10.44 -13.71 -16.78
N LEU B 155 11.02 -14.91 -16.80
CA LEU B 155 12.41 -15.04 -17.23
C LEU B 155 12.49 -14.93 -18.74
N PRO B 156 13.51 -14.19 -19.24
CA PRO B 156 13.68 -14.03 -20.69
C PRO B 156 14.21 -15.28 -21.41
N GLY B 157 14.71 -16.25 -20.66
CA GLY B 157 15.39 -17.40 -21.29
C GLY B 157 14.56 -18.65 -21.52
N ASP B 158 15.20 -19.81 -21.25
CA ASP B 158 14.61 -21.14 -21.40
C ASP B 158 13.38 -21.29 -20.50
N THR B 160 10.80 -22.96 -18.76
CA THR B 160 11.20 -23.97 -17.77
C THR B 160 10.35 -23.94 -16.49
N ILE B 161 10.63 -22.95 -15.65
CA ILE B 161 9.91 -22.72 -14.39
C ILE B 161 8.48 -22.25 -14.65
N PRO B 162 7.48 -22.94 -14.05
CA PRO B 162 6.11 -22.53 -14.33
C PRO B 162 5.93 -21.06 -13.93
N THR B 163 5.32 -20.27 -14.80
CA THR B 163 5.06 -18.87 -14.52
C THR B 163 3.58 -18.58 -14.74
N ALA B 164 2.99 -17.81 -13.82
CA ALA B 164 1.64 -17.31 -14.01
C ALA B 164 1.80 -15.79 -14.08
N THR B 165 1.42 -15.21 -15.21
CA THR B 165 1.55 -13.79 -15.41
C THR B 165 0.22 -13.30 -15.92
N SER B 166 0.05 -11.98 -15.96
CA SER B 166 -1.12 -11.40 -16.61
C SER B 166 -0.75 -11.10 -18.07
N ASN B 167 -1.75 -11.17 -18.96
CA ASN B 167 -1.59 -10.79 -20.35
C ASN B 167 -2.18 -9.42 -20.55
N PRO B 168 -1.32 -8.44 -20.88
CA PRO B 168 -1.75 -7.06 -20.85
C PRO B 168 -2.37 -6.57 -22.13
N GLN B 169 -2.35 -7.42 -23.16
CA GLN B 169 -2.82 -6.98 -24.50
C GLN B 169 -4.31 -6.57 -24.57
N PRO B 170 -5.24 -7.41 -24.02
CA PRO B 170 -6.67 -7.03 -24.13
C PRO B 170 -7.04 -5.72 -23.45
N GLY B 171 -6.51 -5.48 -22.23
CA GLY B 171 -6.69 -4.16 -21.52
C GLY B 171 -6.10 -2.97 -22.26
N ILE B 172 -4.84 -3.11 -22.67
CA ILE B 172 -4.15 -2.09 -23.44
C ILE B 172 -4.87 -1.76 -24.77
N ALA B 173 -5.29 -2.79 -25.52
CA ALA B 173 -6.07 -2.55 -26.76
C ALA B 173 -7.35 -1.75 -26.50
N ALA B 174 -8.10 -2.09 -25.44
CA ALA B 174 -9.35 -1.40 -25.19
C ALA B 174 -9.16 -0.02 -24.71
N ALA B 175 -8.11 0.21 -23.90
CA ALA B 175 -7.83 1.61 -23.46
C ALA B 175 -7.48 2.41 -24.67
N VAL B 176 -6.59 1.86 -25.51
CA VAL B 176 -6.27 2.59 -26.77
C VAL B 176 -7.50 2.80 -27.66
N GLU B 177 -8.26 1.73 -27.93
CA GLU B 177 -9.50 1.81 -28.72
C GLU B 177 -10.38 2.94 -28.23
N LEU B 178 -10.57 3.00 -26.91
CA LEU B 178 -11.38 3.97 -26.26
C LEU B 178 -10.84 5.40 -26.34
N LEU B 179 -9.50 5.55 -26.20
CA LEU B 179 -8.85 6.85 -26.45
C LEU B 179 -9.07 7.29 -27.89
N ALA B 180 -8.91 6.35 -28.82
CA ALA B 180 -9.17 6.66 -30.26
C ALA B 180 -10.60 7.15 -30.56
N HIS B 181 -11.63 6.46 -30.03
CA HIS B 181 -13.03 6.92 -30.25
C HIS B 181 -13.31 8.28 -29.70
N ASN B 182 -12.64 8.64 -28.61
CA ASN B 182 -12.89 9.94 -27.99
C ASN B 182 -11.99 11.07 -28.48
N ASN B 183 -11.18 10.77 -29.51
CA ASN B 183 -10.15 11.67 -30.05
C ASN B 183 -9.33 12.30 -28.92
N ALA B 184 -8.88 11.46 -28.00
CA ALA B 184 -8.30 12.02 -26.81
C ALA B 184 -6.81 11.89 -27.06
N LEU B 185 -6.36 12.52 -28.14
CA LEU B 185 -5.00 12.32 -28.61
C LEU B 185 -4.28 13.64 -28.65
N PRO B 186 -2.91 13.62 -28.66
CA PRO B 186 -2.03 12.45 -28.50
C PRO B 186 -1.92 11.88 -27.09
N ILE B 187 -1.49 10.63 -27.04
CA ILE B 187 -1.38 9.91 -25.84
C ILE B 187 0.09 10.00 -25.46
N GLY B 188 0.37 10.21 -24.17
CA GLY B 188 1.70 10.04 -23.61
C GLY B 188 1.73 8.76 -22.79
N TYR B 189 2.43 7.76 -23.28
CA TYR B 189 2.44 6.50 -22.56
C TYR B 189 3.73 6.49 -21.78
N LEU B 190 3.59 6.24 -20.49
CA LEU B 190 4.67 6.36 -19.56
C LEU B 190 5.02 4.93 -19.22
N SER B 191 6.04 4.38 -19.87
CA SER B 191 6.40 2.99 -19.62
C SER B 191 6.99 2.80 -18.24
N GLY B 192 7.09 1.56 -17.84
CA GLY B 192 7.88 1.21 -16.68
C GLY B 192 9.25 0.78 -17.17
N PRO B 193 10.08 0.28 -16.24
CA PRO B 193 11.45 -0.16 -16.52
C PRO B 193 11.53 -1.10 -17.71
N MET B 194 12.50 -0.91 -18.60
CA MET B 194 12.62 -1.75 -19.81
C MET B 194 13.40 -3.07 -19.62
N ASP B 195 13.86 -3.29 -18.40
CA ASP B 195 14.57 -4.52 -17.98
C ASP B 195 13.64 -5.49 -17.23
N THR B 196 12.34 -5.18 -17.22
CA THR B 196 11.33 -6.13 -16.74
C THR B 196 10.57 -6.61 -17.95
N SER B 197 10.24 -7.90 -17.97
CA SER B 197 9.38 -8.47 -19.01
C SER B 197 8.10 -7.68 -19.08
N THR B 198 7.72 -7.14 -17.93
CA THR B 198 6.49 -6.41 -17.74
C THR B 198 6.53 -5.06 -18.47
N GLY B 199 7.62 -4.29 -18.28
CA GLY B 199 7.81 -3.02 -18.98
C GLY B 199 7.88 -3.13 -20.51
N ARG B 200 8.48 -4.19 -21.03
CA ARG B 200 8.58 -4.38 -22.51
C ARG B 200 7.25 -4.80 -23.09
N GLU B 201 6.75 -5.96 -22.64
CA GLU B 201 5.41 -6.44 -23.02
C GLU B 201 4.40 -5.32 -23.16
N ARG B 202 4.31 -4.42 -22.19
CA ARG B 202 3.26 -3.41 -22.19
C ARG B 202 3.59 -2.31 -23.15
N LEU B 203 4.88 -2.07 -23.39
CA LEU B 203 5.26 -1.08 -24.40
C LEU B 203 5.05 -1.61 -25.83
N GLU B 204 5.46 -2.86 -26.10
CA GLU B 204 5.11 -3.54 -27.37
C GLU B 204 3.60 -3.41 -27.64
N ASP B 205 2.77 -3.90 -26.68
CA ASP B 205 1.30 -3.95 -26.83
C ASP B 205 0.63 -2.60 -27.04
N PHE B 206 1.09 -1.60 -26.33
CA PHE B 206 0.58 -0.27 -26.58
C PHE B 206 1.00 0.24 -27.97
N LYS B 207 2.22 -0.08 -28.43
CA LYS B 207 2.63 0.35 -29.79
C LYS B 207 1.76 -0.31 -30.89
N ALA B 208 1.55 -1.62 -30.76
CA ALA B 208 0.66 -2.37 -31.67
C ALA B 208 -0.80 -1.91 -31.59
N ALA B 209 -1.29 -1.66 -30.38
CA ALA B 209 -2.66 -1.22 -30.27
C ALA B 209 -2.82 0.07 -31.02
N CYS B 210 -1.85 0.97 -30.95
CA CYS B 210 -1.96 2.24 -31.70
C CYS B 210 -1.98 2.07 -33.22
N ALA B 211 -1.20 1.11 -33.73
CA ALA B 211 -1.20 0.79 -35.18
C ALA B 211 -2.56 0.14 -35.49
N ASN B 212 -2.90 -0.92 -34.76
CA ASN B 212 -4.19 -1.60 -34.91
C ASN B 212 -5.42 -0.70 -34.85
N SER B 213 -5.33 0.45 -34.18
CA SER B 213 -6.44 1.40 -34.08
C SER B 213 -6.27 2.55 -35.05
N LYS B 214 -5.18 2.47 -35.86
CA LYS B 214 -4.81 3.47 -36.89
C LYS B 214 -4.77 4.90 -36.37
N ILE B 215 -4.04 5.15 -35.30
CA ILE B 215 -3.92 6.54 -34.80
C ILE B 215 -2.52 7.11 -35.03
N GLY B 216 -1.59 6.23 -35.41
CA GLY B 216 -0.22 6.66 -35.62
C GLY B 216 0.65 6.37 -34.41
N GLU B 217 1.92 6.81 -34.49
CA GLU B 217 2.85 6.67 -33.39
C GLU B 217 2.51 7.72 -32.33
N GLN B 218 2.55 7.34 -31.06
CA GLN B 218 2.24 8.34 -30.01
C GLN B 218 3.50 8.62 -29.21
N LEU B 219 3.40 9.44 -28.17
CA LEU B 219 4.58 9.77 -27.37
C LEU B 219 4.85 8.73 -26.31
N VAL B 220 6.11 8.35 -26.16
CA VAL B 220 6.54 7.42 -25.15
C VAL B 220 7.57 8.07 -24.23
N PHE B 221 7.42 7.83 -22.92
CA PHE B 221 8.48 8.07 -21.98
C PHE B 221 8.87 6.74 -21.38
N LEU B 222 10.18 6.51 -21.28
CA LEU B 222 10.65 5.28 -20.65
C LEU B 222 10.98 5.53 -19.20
N GLY B 223 10.07 5.13 -18.32
CA GLY B 223 10.14 5.45 -16.90
C GLY B 223 10.95 4.44 -16.12
N GLY B 224 10.58 4.27 -14.85
CA GLY B 224 11.34 3.43 -13.93
C GLY B 224 10.63 3.14 -12.63
N TYR B 225 11.26 3.51 -11.53
CA TYR B 225 10.86 2.98 -10.23
C TYR B 225 10.28 4.04 -9.26
N GLU B 226 10.95 5.18 -9.11
CA GLU B 226 10.49 6.29 -8.26
C GLU B 226 9.25 7.00 -8.78
N GLN B 227 8.28 7.20 -7.90
CA GLN B 227 7.19 8.12 -8.13
C GLN B 227 7.74 9.36 -8.81
N SER B 228 8.98 9.73 -8.50
CA SER B 228 9.65 10.92 -9.04
C SER B 228 9.87 10.90 -10.58
N VAL B 229 10.45 9.81 -11.05
CA VAL B 229 10.58 9.55 -12.49
C VAL B 229 9.27 9.71 -13.33
N GLY B 230 8.18 9.11 -12.85
CA GLY B 230 6.86 9.25 -13.43
C GLY B 230 6.36 10.67 -13.42
N PHE B 231 6.49 11.36 -12.29
CA PHE B 231 6.08 12.76 -12.20
C PHE B 231 6.87 13.59 -13.21
N GLU B 232 8.15 13.25 -13.39
CA GLU B 232 9.01 13.97 -14.34
C GLU B 232 8.58 13.59 -15.78
N GLY B 233 8.53 12.31 -16.07
CA GLY B 233 7.98 11.90 -17.39
C GLY B 233 6.59 12.46 -17.76
N ALA B 234 5.71 12.55 -16.78
CA ALA B 234 4.37 12.92 -17.12
C ALA B 234 4.34 14.39 -17.44
N THR B 235 5.16 15.16 -16.74
CA THR B 235 5.22 16.61 -16.92
C THR B 235 5.89 16.88 -18.26
N LYS B 236 6.86 16.05 -18.62
CA LYS B 236 7.53 16.20 -19.94
C LYS B 236 6.59 15.95 -21.13
N LEU B 237 5.72 14.92 -21.00
CA LEU B 237 4.70 14.54 -22.02
C LEU B 237 3.65 15.61 -22.23
N LEU B 238 3.25 16.24 -21.13
CA LEU B 238 2.35 17.40 -21.18
C LEU B 238 3.01 18.60 -21.86
N ASP B 239 4.29 18.85 -21.61
CA ASP B 239 5.03 19.88 -22.35
C ASP B 239 5.05 19.55 -23.86
N GLN B 240 5.21 18.27 -24.19
CA GLN B 240 5.25 17.81 -25.58
C GLN B 240 3.87 17.67 -26.21
N GLY B 241 2.83 18.12 -25.50
CA GLY B 241 1.49 18.23 -26.09
C GLY B 241 0.49 17.11 -25.76
N ALA B 242 0.87 16.17 -24.90
CA ALA B 242 -0.05 15.06 -24.56
C ALA B 242 -1.39 15.50 -24.05
N LYS B 243 -2.44 14.86 -24.54
CA LYS B 243 -3.78 15.16 -24.06
C LYS B 243 -4.34 13.99 -23.24
N THR B 244 -3.55 12.91 -23.18
CA THR B 244 -3.85 11.76 -22.38
C THR B 244 -2.57 11.20 -21.79
N LEU B 245 -2.61 10.81 -20.52
CA LEU B 245 -1.46 10.19 -19.92
C LEU B 245 -1.85 8.78 -19.62
N PHE B 246 -0.99 7.85 -19.95
CA PHE B 246 -1.35 6.46 -19.92
C PHE B 246 -0.18 5.77 -19.28
N ALA B 247 -0.30 5.54 -17.99
CA ALA B 247 0.72 4.89 -17.19
C ALA B 247 0.81 3.39 -17.43
N GLY B 248 1.95 2.79 -17.17
CA GLY B 248 2.13 1.33 -17.34
C GLY B 248 2.33 0.64 -16.02
N ASP B 249 2.24 1.41 -14.91
CA ASP B 249 2.41 0.91 -13.52
C ASP B 249 1.57 1.63 -12.50
N SER B 250 1.47 1.04 -11.30
CA SER B 250 0.92 1.75 -10.14
C SER B 250 1.74 3.01 -9.93
N MET B 251 3.07 2.84 -9.85
CA MET B 251 3.92 3.98 -9.49
C MET B 251 3.87 5.06 -10.54
N MET B 252 3.95 4.68 -11.82
CA MET B 252 3.76 5.62 -12.86
C MET B 252 2.39 6.35 -12.71
N THR B 253 1.35 5.62 -12.28
CA THR B 253 0.02 6.25 -12.13
C THR B 253 -0.05 7.25 -11.03
N ILE B 254 0.71 7.01 -9.97
CA ILE B 254 0.88 8.03 -8.97
C ILE B 254 1.54 9.26 -9.56
N GLY B 255 2.73 9.07 -10.16
CA GLY B 255 3.47 10.20 -10.84
C GLY B 255 2.58 10.99 -11.80
N VAL B 256 1.75 10.26 -12.56
CA VAL B 256 0.74 10.92 -13.43
C VAL B 256 -0.25 11.82 -12.68
N ILE B 257 -0.75 11.35 -11.53
CA ILE B 257 -1.66 12.17 -10.70
C ILE B 257 -0.97 13.41 -10.17
N GLU B 258 0.24 13.21 -9.63
CA GLU B 258 1.08 14.30 -9.12
C GLU B 258 1.34 15.34 -10.22
N ALA B 259 1.66 14.84 -11.42
CA ALA B 259 1.90 15.70 -12.57
C ALA B 259 0.69 16.57 -12.92
N CYS B 260 -0.54 16.02 -12.88
CA CYS B 260 -1.76 16.81 -13.17
C CYS B 260 -2.11 17.77 -12.07
N HIS B 261 -1.85 17.36 -10.83
CA HIS B 261 -2.05 18.23 -9.68
C HIS B 261 -1.07 19.39 -9.68
N LYS B 262 0.24 19.10 -9.72
CA LYS B 262 1.25 20.17 -9.74
C LYS B 262 0.93 21.15 -10.87
N ALA B 263 0.53 20.60 -12.02
CA ALA B 263 0.22 21.38 -13.21
C ALA B 263 -1.13 22.12 -13.15
N GLY B 264 -1.99 21.77 -12.21
CA GLY B 264 -3.33 22.37 -12.14
C GLY B 264 -4.32 21.79 -13.14
N LEU B 265 -4.14 20.55 -13.55
CA LEU B 265 -5.08 20.01 -14.53
C LEU B 265 -6.17 19.13 -13.85
N VAL B 266 -7.44 19.36 -14.17
CA VAL B 266 -8.53 18.45 -13.73
C VAL B 266 -8.55 17.22 -14.65
N ILE B 267 -8.12 16.07 -14.14
CA ILE B 267 -8.33 14.81 -14.80
C ILE B 267 -9.81 14.60 -15.05
N GLY B 268 -10.14 14.07 -16.22
CA GLY B 268 -11.51 13.95 -16.64
C GLY B 268 -11.97 15.20 -17.35
N LYS B 269 -11.53 16.38 -16.91
CA LYS B 269 -11.89 17.67 -17.54
C LYS B 269 -10.81 18.33 -18.43
N ASP B 270 -9.58 18.48 -17.94
CA ASP B 270 -8.55 19.24 -18.67
C ASP B 270 -7.58 18.31 -19.36
N VAL B 271 -7.49 17.06 -18.88
CA VAL B 271 -6.61 16.11 -19.49
C VAL B 271 -7.26 14.74 -19.28
N SER B 272 -6.88 13.73 -20.08
CA SER B 272 -7.37 12.38 -19.87
C SER B 272 -6.33 11.49 -19.22
N VAL B 273 -6.77 10.58 -18.34
CA VAL B 273 -5.84 9.66 -17.73
C VAL B 273 -6.37 8.25 -17.88
N ILE B 274 -5.48 7.32 -18.24
CA ILE B 274 -5.65 5.90 -18.00
C ILE B 274 -4.59 5.43 -17.02
N GLY B 275 -5.01 4.76 -15.94
CA GLY B 275 -4.09 4.33 -14.89
C GLY B 275 -3.87 2.85 -14.93
N PHE B 276 -2.93 2.37 -14.14
CA PHE B 276 -2.66 0.94 -14.13
C PHE B 276 -2.76 0.37 -12.69
N ASP B 277 -3.40 -0.81 -12.56
CA ASP B 277 -3.78 -1.44 -11.27
C ASP B 277 -4.87 -0.74 -10.43
N THR B 278 -5.41 -1.45 -9.44
CA THR B 278 -6.70 -1.11 -8.84
C THR B 278 -6.65 -0.52 -7.44
N HIS B 279 -5.82 0.50 -7.21
CA HIS B 279 -5.80 1.12 -5.87
C HIS B 279 -7.19 1.60 -5.52
N PRO B 280 -7.70 1.29 -4.31
CA PRO B 280 -9.04 1.79 -3.86
C PRO B 280 -9.21 3.31 -3.99
N LEU B 281 -8.12 4.04 -3.76
CA LEU B 281 -8.15 5.50 -3.88
C LEU B 281 -8.31 6.05 -5.30
N PHE B 282 -7.89 5.26 -6.29
CA PHE B 282 -8.18 5.55 -7.71
C PHE B 282 -9.68 5.60 -7.96
N ALA B 283 -10.44 4.66 -7.41
CA ALA B 283 -11.89 4.65 -7.69
C ALA B 283 -12.62 5.84 -7.08
N LEU B 284 -11.90 6.70 -6.33
CA LEU B 284 -12.56 7.75 -5.52
C LEU B 284 -12.36 9.22 -5.93
N GLN B 285 -11.17 9.54 -6.46
CA GLN B 285 -10.91 10.82 -7.14
C GLN B 285 -12.19 11.53 -7.62
N PRO B 286 -12.20 12.89 -7.65
CA PRO B 286 -13.40 13.65 -8.14
C PRO B 286 -13.94 13.13 -9.48
N HIS B 287 -13.05 12.80 -10.41
CA HIS B 287 -13.41 12.03 -11.58
C HIS B 287 -12.66 10.70 -11.46
N PRO B 288 -13.38 9.62 -11.10
CA PRO B 288 -12.63 8.41 -10.85
C PRO B 288 -11.85 8.00 -12.07
N LEU B 289 -10.88 7.10 -11.90
CA LEU B 289 -9.90 6.81 -12.92
C LEU B 289 -10.24 5.57 -13.69
N THR B 290 -10.36 5.72 -15.01
CA THR B 290 -10.33 4.56 -15.87
C THR B 290 -8.98 3.87 -15.67
N VAL B 291 -8.99 2.59 -15.31
CA VAL B 291 -7.75 1.84 -15.10
C VAL B 291 -7.74 0.43 -15.72
N ILE B 292 -6.54 -0.12 -15.88
CA ILE B 292 -6.39 -1.44 -16.37
C ILE B 292 -6.22 -2.31 -15.17
N ASP B 293 -7.19 -3.20 -14.98
CA ASP B 293 -7.14 -4.09 -13.84
C ASP B 293 -6.42 -5.37 -14.23
N GLN B 294 -5.65 -5.91 -13.32
CA GLN B 294 -4.88 -7.09 -13.61
C GLN B 294 -5.37 -8.38 -12.99
N ASN B 295 -6.39 -8.30 -12.17
CA ASN B 295 -6.93 -9.43 -11.41
C ASN B 295 -5.90 -10.20 -10.58
N VAL B 296 -5.34 -9.51 -9.59
CA VAL B 296 -4.26 -10.01 -8.73
C VAL B 296 -4.73 -11.25 -8.01
N GLU B 297 -5.98 -11.23 -7.56
CA GLU B 297 -6.56 -12.34 -6.82
C GLU B 297 -6.45 -13.68 -7.58
N GLN B 298 -6.71 -13.64 -8.88
CA GLN B 298 -6.68 -14.82 -9.75
C GLN B 298 -5.27 -15.31 -10.05
N LEU B 299 -4.37 -14.35 -10.31
CA LEU B 299 -2.97 -14.63 -10.47
C LEU B 299 -2.46 -15.36 -9.25
N ALA B 300 -2.72 -14.78 -8.08
CA ALA B 300 -2.36 -15.37 -6.79
C ALA B 300 -2.94 -16.79 -6.55
N GLN B 301 -4.19 -17.04 -6.94
CA GLN B 301 -4.82 -18.38 -6.83
C GLN B 301 -4.15 -19.37 -7.79
N ARG B 302 -4.01 -18.98 -9.06
CA ARG B 302 -3.28 -19.78 -10.05
C ARG B 302 -1.89 -20.19 -9.58
N ALA B 303 -1.13 -19.22 -9.09
CA ALA B 303 0.25 -19.42 -8.62
C ALA B 303 0.32 -20.35 -7.44
N VAL B 304 -0.71 -20.30 -6.58
CA VAL B 304 -0.77 -21.18 -5.44
C VAL B 304 -1.23 -22.63 -5.79
N SER B 305 -2.15 -22.81 -6.73
CA SER B 305 -2.46 -24.17 -7.28
C SER B 305 -1.27 -24.86 -7.95
N ILE B 306 -0.50 -24.10 -8.71
CA ILE B 306 0.71 -24.59 -9.38
C ILE B 306 1.83 -24.87 -8.38
N LEU B 307 1.74 -24.25 -7.20
CA LEU B 307 2.66 -24.59 -6.13
C LEU B 307 2.20 -25.83 -5.37
N THR B 308 0.92 -25.91 -5.00
CA THR B 308 0.43 -27.03 -4.19
C THR B 308 0.58 -28.34 -4.93
N GLU B 309 0.20 -28.34 -6.21
CA GLU B 309 0.42 -29.48 -7.08
C GLU B 309 1.84 -29.47 -7.67
N LEU B 310 2.84 -29.40 -6.79
CA LEU B 310 4.26 -29.39 -7.16
C LEU B 310 5.15 -29.72 -5.96
N THR B 321 1.35 -20.11 -18.38
CA THR B 321 -0.01 -19.64 -18.01
C THR B 321 -0.25 -18.12 -17.78
N THR B 322 -1.32 -17.60 -18.40
CA THR B 322 -1.65 -16.19 -18.33
C THR B 322 -3.12 -15.89 -17.99
N ILE B 323 -3.33 -14.66 -17.54
CA ILE B 323 -4.59 -14.25 -17.00
C ILE B 323 -4.89 -12.99 -17.78
N PRO B 324 -6.04 -12.93 -18.45
CA PRO B 324 -6.41 -11.69 -19.16
C PRO B 324 -6.37 -10.43 -18.27
N THR B 325 -6.15 -9.29 -18.91
CA THR B 325 -6.15 -8.02 -18.27
C THR B 325 -7.44 -7.37 -18.71
N ALA B 326 -7.96 -6.38 -17.97
CA ALA B 326 -9.27 -5.80 -18.34
C ALA B 326 -9.36 -4.31 -18.09
N LEU B 327 -10.15 -3.60 -18.86
CA LEU B 327 -10.37 -2.16 -18.63
C LEU B 327 -11.62 -1.90 -17.73
N ILE B 328 -11.41 -1.19 -16.62
CA ILE B 328 -12.49 -0.72 -15.84
C ILE B 328 -12.80 0.70 -16.33
N HIS B 329 -13.91 0.87 -17.03
CA HIS B 329 -14.29 2.18 -17.57
CA HIS B 329 -14.37 2.15 -17.59
C HIS B 329 -14.92 3.06 -16.52
N ARG B 330 -14.17 4.10 -16.12
CA ARG B 330 -14.71 5.04 -15.13
C ARG B 330 -14.97 6.38 -15.78
N GLU B 331 -14.40 7.46 -15.25
CA GLU B 331 -14.70 8.77 -15.84
C GLU B 331 -13.50 9.74 -16.08
N SER B 332 -12.30 9.20 -16.32
CA SER B 332 -11.09 10.04 -16.57
C SER B 332 -10.65 10.24 -18.04
N ILE B 333 -11.56 9.98 -19.00
CA ILE B 333 -11.33 10.22 -20.42
C ILE B 333 -12.30 11.32 -20.87
N ILE B 334 -11.78 12.37 -21.48
CA ILE B 334 -12.61 13.41 -22.10
C ILE B 334 -13.21 12.92 -23.44
N ASN B 335 -14.39 13.42 -23.82
CA ASN B 335 -14.81 13.33 -25.22
C ASN B 335 -14.65 14.66 -26.00
N SER B 336 -13.61 14.72 -26.83
CA SER B 336 -13.19 15.93 -27.54
C SER B 336 -13.74 16.08 -28.96
#